data_5WP4
#
_entry.id   5WP4
#
_cell.length_a   49.261
_cell.length_b   86.032
_cell.length_c   68.242
_cell.angle_alpha   90.00
_cell.angle_beta   106.15
_cell.angle_gamma   90.00
#
_symmetry.space_group_name_H-M   'P 1 21 1'
#
loop_
_entity.id
_entity.type
_entity.pdbx_description
1 polymer 'Phosphoethanolamine N-methyltransferase 1'
2 non-polymer S-ADENOSYL-L-HOMOCYSTEINE
3 non-polymer PHOSPHOCHOLINE
4 water water
#
_entity_poly.entity_id   1
_entity_poly.type   'polypeptide(L)'
_entity_poly.pdbx_seq_one_letter_code
;MAASYEEERDIQKNYWIEHSADLTVEAMMLDSRASDLDKEERPEVLSLLPPYEGKSVLELGAGIGRFTGELAQKAGELIA
LDFIDNVIKKNESINGHYKNVKFMCADVTSPDLKITDGSLDLIFSNWLLMYLSDKEVELLAERMVGWIKVGGYIFFRESC
FHQSGDSKRKSNPTHYREPRFYSKVFQECQTRDAAGNSFELSMIGCKCIGAYVKNKKNQNQICWIWQKVSSENDRGFQRF
LDNVQYKSSGILRYERVFGQGFVSTGGLETTKEFVEKMNLKPGQKVLDVGCGIGGGDFYMAEKFDVHVVGIDLSVNMISF
ALERAIGLSCSVEFEVADCTTKHYPDNSFDVIYSRDTILHIQDKPALFRTFFKWLKPGGKVLISDYCRSPKTPSAEFSEY
IKQRGYDLHDVQAYGQMLKDAGFTDVIAEDRTDQFMQVLKRELDRVEKEKEKFISDFSKEDYDDIVGGWKSKLERCASDE
QKWGLFIANKN
;
_entity_poly.pdbx_strand_id   A
#
# COMPACT_ATOMS: atom_id res chain seq x y z
N GLU A 7 -1.74 14.80 -27.62
CA GLU A 7 -0.42 14.36 -28.06
C GLU A 7 -0.08 12.98 -27.52
N GLU A 8 -0.52 12.70 -26.29
CA GLU A 8 -0.24 11.40 -25.68
C GLU A 8 -0.81 10.27 -26.53
N ARG A 9 -2.05 10.44 -27.00
CA ARG A 9 -2.69 9.40 -27.81
C ARG A 9 -1.91 9.15 -29.09
N ASP A 10 -1.39 10.22 -29.69
CA ASP A 10 -0.64 10.09 -30.94
C ASP A 10 0.66 9.31 -30.73
N ILE A 11 1.44 9.69 -29.72
CA ILE A 11 2.74 9.07 -29.53
C ILE A 11 2.62 7.61 -29.09
N GLN A 12 1.63 7.32 -28.25
CA GLN A 12 1.42 5.95 -27.81
C GLN A 12 0.90 5.08 -28.94
N LYS A 13 -0.07 5.60 -29.71
CA LYS A 13 -0.58 4.81 -30.82
C LYS A 13 0.50 4.59 -31.87
N ASN A 14 1.29 5.62 -32.16
CA ASN A 14 2.38 5.46 -33.14
C ASN A 14 3.38 4.38 -32.74
N TYR A 15 3.67 4.28 -31.44
CA TYR A 15 4.57 3.26 -30.94
C TYR A 15 3.99 1.88 -31.21
N TRP A 16 2.70 1.71 -30.93
CA TRP A 16 2.06 0.43 -31.17
C TRP A 16 1.77 0.13 -32.64
N ILE A 17 1.57 1.15 -33.45
CA ILE A 17 1.50 0.92 -34.90
C ILE A 17 2.82 0.32 -35.41
N GLU A 18 3.94 0.89 -34.99
CA GLU A 18 5.25 0.37 -35.37
C GLU A 18 5.46 -1.06 -34.88
N HIS A 19 5.18 -1.29 -33.61
CA HIS A 19 5.52 -2.57 -33.00
C HIS A 19 4.45 -3.65 -33.22
N SER A 20 3.36 -3.27 -33.86
CA SER A 20 2.35 -4.25 -34.26
C SER A 20 2.46 -4.63 -35.73
N ALA A 21 3.29 -3.91 -36.49
CA ALA A 21 3.37 -4.13 -37.93
C ALA A 21 3.61 -5.58 -38.33
N ASP A 22 4.44 -6.29 -37.55
CA ASP A 22 4.79 -7.68 -37.87
C ASP A 22 3.72 -8.68 -37.43
N LEU A 23 2.83 -8.26 -36.53
CA LEU A 23 1.74 -9.12 -36.05
C LEU A 23 2.21 -10.48 -35.53
N THR A 24 3.28 -10.47 -34.73
CA THR A 24 3.77 -11.69 -34.10
C THR A 24 3.94 -11.49 -32.60
N VAL A 25 4.10 -12.59 -31.87
CA VAL A 25 4.38 -12.48 -30.45
C VAL A 25 5.74 -11.81 -30.25
N GLU A 26 6.72 -12.17 -31.07
CA GLU A 26 8.05 -11.55 -30.95
C GLU A 26 8.00 -10.03 -31.10
N ALA A 27 7.22 -9.56 -32.07
CA ALA A 27 7.09 -8.13 -32.30
C ALA A 27 6.49 -7.41 -31.11
N MET A 28 5.58 -8.08 -30.41
CA MET A 28 4.95 -7.49 -29.23
C MET A 28 5.89 -7.49 -28.02
N MET A 29 6.71 -8.53 -27.92
CA MET A 29 7.52 -8.72 -26.72
C MET A 29 8.71 -7.78 -26.58
N LEU A 30 9.18 -7.26 -27.71
CA LEU A 30 10.31 -6.32 -27.71
C LEU A 30 11.50 -6.87 -26.93
N ASP A 31 11.80 -8.15 -27.14
CA ASP A 31 12.89 -8.80 -26.43
C ASP A 31 13.44 -9.95 -27.25
N SER A 32 14.75 -10.13 -27.21
CA SER A 32 15.41 -11.16 -28.02
C SER A 32 15.06 -12.57 -27.56
N ARG A 33 14.57 -12.70 -26.33
CA ARG A 33 14.20 -14.00 -25.80
C ARG A 33 12.68 -14.10 -25.64
N ALA A 34 11.97 -13.40 -26.53
CA ALA A 34 10.51 -13.40 -26.59
C ALA A 34 9.89 -14.79 -26.47
N SER A 35 10.39 -15.75 -27.24
CA SER A 35 9.78 -17.08 -27.28
C SER A 35 9.83 -17.78 -25.92
N ASP A 36 11.02 -17.82 -25.31
CA ASP A 36 11.18 -18.46 -24.01
C ASP A 36 10.46 -17.70 -22.90
N LEU A 37 10.45 -16.38 -22.99
CA LEU A 37 9.74 -15.56 -22.01
C LEU A 37 8.24 -15.86 -22.07
N ASP A 38 7.69 -15.92 -23.27
CA ASP A 38 6.28 -16.23 -23.48
C ASP A 38 5.95 -17.62 -22.92
N LYS A 39 6.77 -18.61 -23.27
CA LYS A 39 6.54 -19.98 -22.82
C LYS A 39 6.46 -20.11 -21.30
N GLU A 40 7.26 -19.32 -20.59
CA GLU A 40 7.31 -19.43 -19.13
C GLU A 40 6.34 -18.49 -18.43
N GLU A 41 6.16 -17.30 -18.99
CA GLU A 41 5.38 -16.27 -18.30
C GLU A 41 3.88 -16.33 -18.59
N ARG A 42 3.51 -16.81 -19.78
CA ARG A 42 2.09 -16.93 -20.14
C ARG A 42 1.31 -17.84 -19.17
N PRO A 43 1.83 -19.06 -18.89
CA PRO A 43 1.11 -19.89 -17.91
C PRO A 43 1.11 -19.30 -16.52
N GLU A 44 2.17 -18.59 -16.14
CA GLU A 44 2.22 -17.96 -14.83
C GLU A 44 1.14 -16.88 -14.67
N VAL A 45 1.02 -16.01 -15.64
CA VAL A 45 -0.03 -14.99 -15.62
C VAL A 45 -1.42 -15.63 -15.51
N LEU A 46 -1.67 -16.66 -16.32
CA LEU A 46 -2.98 -17.31 -16.29
C LEU A 46 -3.26 -17.92 -14.91
N SER A 47 -2.22 -18.47 -14.29
CA SER A 47 -2.38 -19.12 -12.99
C SER A 47 -2.64 -18.10 -11.88
N LEU A 48 -2.36 -16.82 -12.15
CA LEU A 48 -2.53 -15.78 -11.14
C LEU A 48 -3.90 -15.11 -11.19
N LEU A 49 -4.64 -15.36 -12.26
CA LEU A 49 -5.96 -14.76 -12.41
C LEU A 49 -6.92 -15.28 -11.35
N PRO A 50 -7.77 -14.36 -10.82
CA PRO A 50 -8.85 -14.75 -9.92
C PRO A 50 -9.86 -15.62 -10.66
N PRO A 51 -10.75 -16.32 -9.92
CA PRO A 51 -11.73 -17.21 -10.55
C PRO A 51 -12.63 -16.48 -11.55
N TYR A 52 -12.78 -17.05 -12.74
CA TYR A 52 -13.62 -16.44 -13.78
C TYR A 52 -14.34 -17.44 -14.68
N GLU A 53 -14.27 -18.73 -14.35
CA GLU A 53 -14.94 -19.74 -15.17
C GLU A 53 -16.44 -19.49 -15.23
N GLY A 54 -16.97 -19.43 -16.44
CA GLY A 54 -18.39 -19.17 -16.63
C GLY A 54 -18.81 -17.72 -16.39
N LYS A 55 -17.83 -16.86 -16.14
CA LYS A 55 -18.12 -15.46 -15.82
C LYS A 55 -17.86 -14.52 -17.00
N SER A 56 -18.16 -13.24 -16.82
CA SER A 56 -18.01 -12.26 -17.89
C SER A 56 -16.70 -11.49 -17.75
N VAL A 57 -15.88 -11.53 -18.79
CA VAL A 57 -14.52 -11.01 -18.74
C VAL A 57 -14.29 -9.96 -19.83
N LEU A 58 -13.54 -8.92 -19.49
CA LEU A 58 -13.08 -7.91 -20.44
C LEU A 58 -11.56 -7.91 -20.46
N GLU A 59 -10.98 -8.16 -21.64
CA GLU A 59 -9.54 -8.15 -21.83
C GLU A 59 -9.12 -6.88 -22.55
N LEU A 60 -8.35 -6.03 -21.89
CA LEU A 60 -7.92 -4.75 -22.43
C LEU A 60 -6.49 -4.80 -22.94
N GLY A 61 -6.29 -4.38 -24.19
CA GLY A 61 -4.99 -4.51 -24.82
C GLY A 61 -4.68 -5.97 -25.14
N ALA A 62 -5.64 -6.66 -25.77
CA ALA A 62 -5.56 -8.11 -25.98
C ALA A 62 -4.44 -8.51 -26.94
N GLY A 63 -3.98 -7.58 -27.77
CA GLY A 63 -2.97 -7.94 -28.76
C GLY A 63 -3.49 -8.96 -29.76
N ILE A 64 -2.60 -9.70 -30.40
CA ILE A 64 -3.02 -10.71 -31.36
C ILE A 64 -3.63 -11.94 -30.68
N GLY A 65 -3.56 -11.99 -29.35
CA GLY A 65 -4.31 -12.99 -28.60
C GLY A 65 -3.56 -14.08 -27.86
N ARG A 66 -2.42 -13.75 -27.24
CA ARG A 66 -1.69 -14.72 -26.42
C ARG A 66 -2.59 -15.35 -25.36
N PHE A 67 -3.46 -14.55 -24.76
CA PHE A 67 -4.34 -15.03 -23.69
C PHE A 67 -5.78 -15.26 -24.15
N THR A 68 -6.20 -14.57 -25.20
CA THR A 68 -7.61 -14.55 -25.60
C THR A 68 -8.21 -15.95 -25.77
N GLY A 69 -7.49 -16.84 -26.45
CA GLY A 69 -7.97 -18.19 -26.68
C GLY A 69 -8.14 -18.96 -25.38
N GLU A 70 -7.18 -18.81 -24.47
CA GLU A 70 -7.22 -19.49 -23.18
C GLU A 70 -8.40 -19.01 -22.35
N LEU A 71 -8.58 -17.69 -22.30
CA LEU A 71 -9.66 -17.08 -21.56
C LEU A 71 -11.00 -17.57 -22.09
N ALA A 72 -11.11 -17.65 -23.41
CA ALA A 72 -12.35 -18.05 -24.07
C ALA A 72 -12.80 -19.45 -23.66
N GLN A 73 -11.84 -20.34 -23.42
CA GLN A 73 -12.16 -21.72 -23.05
C GLN A 73 -12.83 -21.83 -21.69
N LYS A 74 -12.57 -20.85 -20.82
CA LYS A 74 -13.08 -20.87 -19.45
C LYS A 74 -14.24 -19.88 -19.24
N ALA A 75 -14.09 -18.67 -19.78
CA ALA A 75 -15.05 -17.60 -19.54
C ALA A 75 -16.41 -17.89 -20.16
N GLY A 76 -17.48 -17.45 -19.51
CA GLY A 76 -18.80 -17.55 -20.09
C GLY A 76 -18.91 -16.57 -21.25
N GLU A 77 -18.38 -15.38 -21.04
CA GLU A 77 -18.44 -14.31 -22.01
C GLU A 77 -17.11 -13.54 -21.99
N LEU A 78 -16.58 -13.22 -23.16
CA LEU A 78 -15.32 -12.48 -23.23
C LEU A 78 -15.39 -11.37 -24.26
N ILE A 79 -14.90 -10.19 -23.88
CA ILE A 79 -14.66 -9.10 -24.81
C ILE A 79 -13.16 -8.90 -24.90
N ALA A 80 -12.63 -8.95 -26.11
CA ALA A 80 -11.20 -8.70 -26.37
C ALA A 80 -11.07 -7.37 -27.09
N LEU A 81 -10.29 -6.46 -26.52
CA LEU A 81 -10.21 -5.09 -27.00
C LEU A 81 -8.77 -4.67 -27.26
N ASP A 82 -8.52 -4.00 -28.38
CA ASP A 82 -7.20 -3.40 -28.64
C ASP A 82 -7.37 -2.17 -29.52
N PHE A 83 -6.51 -1.16 -29.36
CA PHE A 83 -6.65 0.02 -30.22
C PHE A 83 -6.01 -0.05 -31.60
N ILE A 84 -5.26 -1.10 -31.88
CA ILE A 84 -4.73 -1.32 -33.22
C ILE A 84 -5.65 -2.28 -33.98
N ASP A 85 -6.33 -1.77 -35.00
CA ASP A 85 -7.35 -2.53 -35.69
C ASP A 85 -6.78 -3.83 -36.28
N ASN A 86 -5.61 -3.75 -36.90
CA ASN A 86 -4.98 -4.93 -37.51
C ASN A 86 -4.73 -6.03 -36.50
N VAL A 87 -4.40 -5.61 -35.30
CA VAL A 87 -4.07 -6.52 -34.22
C VAL A 87 -5.30 -7.28 -33.73
N ILE A 88 -6.39 -6.56 -33.48
CA ILE A 88 -7.60 -7.20 -33.02
C ILE A 88 -8.26 -8.03 -34.14
N LYS A 89 -8.05 -7.63 -35.39
CA LYS A 89 -8.51 -8.42 -36.52
C LYS A 89 -7.76 -9.75 -36.59
N LYS A 90 -6.45 -9.70 -36.34
CA LYS A 90 -5.65 -10.92 -36.32
C LYS A 90 -6.11 -11.83 -35.18
N ASN A 91 -6.37 -11.24 -34.02
CA ASN A 91 -6.90 -11.97 -32.89
C ASN A 91 -8.19 -12.70 -33.28
N GLU A 92 -9.12 -11.96 -33.90
CA GLU A 92 -10.39 -12.53 -34.32
C GLU A 92 -10.22 -13.62 -35.38
N SER A 93 -9.23 -13.48 -36.26
CA SER A 93 -9.00 -14.48 -37.29
C SER A 93 -8.60 -15.82 -36.65
N ILE A 94 -7.93 -15.73 -35.51
CA ILE A 94 -7.44 -16.91 -34.79
C ILE A 94 -8.48 -17.43 -33.80
N ASN A 95 -9.11 -16.52 -33.07
CA ASN A 95 -10.00 -16.90 -31.96
C ASN A 95 -11.49 -16.68 -32.20
N GLY A 96 -11.85 -16.20 -33.40
CA GLY A 96 -13.24 -15.94 -33.72
C GLY A 96 -14.12 -17.17 -33.67
N HIS A 97 -13.51 -18.34 -33.80
CA HIS A 97 -14.28 -19.59 -33.75
C HIS A 97 -14.91 -19.83 -32.38
N TYR A 98 -14.37 -19.17 -31.36
CA TYR A 98 -14.99 -19.19 -30.04
C TYR A 98 -16.23 -18.31 -30.04
N LYS A 99 -17.40 -18.94 -29.89
CA LYS A 99 -18.67 -18.26 -30.02
C LYS A 99 -18.95 -17.26 -28.89
N ASN A 100 -18.21 -17.38 -27.80
CA ASN A 100 -18.40 -16.53 -26.63
C ASN A 100 -17.51 -15.31 -26.60
N VAL A 101 -16.82 -15.02 -27.70
CA VAL A 101 -15.89 -13.89 -27.73
C VAL A 101 -16.37 -12.77 -28.65
N LYS A 102 -16.32 -11.54 -28.14
CA LYS A 102 -16.61 -10.34 -28.91
C LYS A 102 -15.31 -9.56 -29.05
N PHE A 103 -15.09 -8.97 -30.22
CA PHE A 103 -13.86 -8.21 -30.48
C PHE A 103 -14.16 -6.74 -30.72
N MET A 104 -13.35 -5.88 -30.13
CA MET A 104 -13.53 -4.43 -30.25
C MET A 104 -12.21 -3.76 -30.61
N CYS A 105 -12.24 -2.88 -31.60
CA CYS A 105 -11.14 -1.95 -31.78
C CYS A 105 -11.52 -0.64 -31.07
N ALA A 106 -10.84 -0.35 -29.98
CA ALA A 106 -11.12 0.85 -29.21
C ALA A 106 -9.91 1.21 -28.38
N ASP A 107 -9.78 2.51 -28.09
CA ASP A 107 -8.79 3.02 -27.16
C ASP A 107 -9.42 3.07 -25.78
N VAL A 108 -8.77 2.44 -24.80
CA VAL A 108 -9.32 2.36 -23.43
C VAL A 108 -9.55 3.73 -22.79
N THR A 109 -8.88 4.75 -23.31
CA THR A 109 -9.02 6.10 -22.76
C THR A 109 -10.15 6.90 -23.39
N SER A 110 -10.77 6.37 -24.44
CA SER A 110 -11.73 7.15 -25.21
C SER A 110 -12.94 7.61 -24.40
N PRO A 111 -13.34 8.89 -24.57
CA PRO A 111 -14.57 9.38 -23.92
C PRO A 111 -15.83 8.73 -24.52
N ASP A 112 -15.69 8.01 -25.62
CA ASP A 112 -16.84 7.40 -26.29
C ASP A 112 -16.92 5.90 -26.07
N LEU A 113 -15.98 5.35 -25.31
CA LEU A 113 -15.99 3.92 -25.03
C LEU A 113 -17.13 3.61 -24.07
N LYS A 114 -18.05 2.74 -24.51
N LYS A 114 -18.04 2.74 -24.49
CA LYS A 114 -19.20 2.37 -23.69
CA LYS A 114 -19.19 2.39 -23.66
C LYS A 114 -19.04 0.97 -23.12
C LYS A 114 -19.07 0.97 -23.11
N ILE A 115 -19.05 0.86 -21.80
CA ILE A 115 -19.07 -0.44 -21.11
C ILE A 115 -20.11 -0.30 -20.02
N THR A 116 -21.00 -1.29 -19.91
CA THR A 116 -22.10 -1.23 -18.94
C THR A 116 -21.61 -1.41 -17.51
N ASP A 117 -21.97 -0.48 -16.63
CA ASP A 117 -21.58 -0.58 -15.23
C ASP A 117 -22.16 -1.84 -14.58
N GLY A 118 -21.36 -2.46 -13.71
CA GLY A 118 -21.80 -3.63 -12.96
C GLY A 118 -22.09 -4.83 -13.83
N SER A 119 -21.39 -4.95 -14.97
CA SER A 119 -21.65 -6.04 -15.89
C SER A 119 -20.56 -7.10 -15.91
N LEU A 120 -19.38 -6.76 -15.38
CA LEU A 120 -18.22 -7.62 -15.56
C LEU A 120 -17.76 -8.27 -14.26
N ASP A 121 -17.22 -9.47 -14.39
CA ASP A 121 -16.67 -10.21 -13.27
C ASP A 121 -15.16 -10.09 -13.17
N LEU A 122 -14.50 -9.85 -14.31
CA LEU A 122 -13.05 -9.69 -14.35
C LEU A 122 -12.65 -8.75 -15.47
N ILE A 123 -11.83 -7.75 -15.14
CA ILE A 123 -11.14 -6.95 -16.16
C ILE A 123 -9.68 -7.34 -16.09
N PHE A 124 -9.15 -7.79 -17.23
CA PHE A 124 -7.78 -8.32 -17.31
C PHE A 124 -6.98 -7.53 -18.32
N SER A 125 -5.80 -7.08 -17.91
CA SER A 125 -4.84 -6.51 -18.86
C SER A 125 -3.47 -7.02 -18.45
N ASN A 126 -2.56 -7.03 -19.41
CA ASN A 126 -1.20 -7.45 -19.18
C ASN A 126 -0.27 -6.61 -20.06
N TRP A 127 0.28 -5.56 -19.44
CA TRP A 127 0.94 -4.42 -20.09
C TRP A 127 -0.09 -3.52 -20.77
N LEU A 128 -0.38 -2.39 -20.14
CA LEU A 128 -1.38 -1.47 -20.66
C LEU A 128 -1.23 -0.07 -20.07
N LEU A 129 -1.30 0.02 -18.75
CA LEU A 129 -1.27 1.31 -18.07
C LEU A 129 0.03 2.08 -18.30
N MET A 130 1.12 1.36 -18.57
CA MET A 130 2.39 1.97 -18.92
C MET A 130 2.32 2.73 -20.26
N TYR A 131 1.24 2.54 -21.01
CA TYR A 131 1.03 3.25 -22.28
C TYR A 131 -0.02 4.35 -22.19
N LEU A 132 -0.35 4.71 -20.95
CA LEU A 132 -1.29 5.79 -20.65
C LEU A 132 -0.60 6.87 -19.84
N SER A 133 -1.04 8.12 -19.99
CA SER A 133 -0.56 9.19 -19.11
C SER A 133 -1.06 9.00 -17.67
N ASP A 134 -0.47 9.71 -16.72
CA ASP A 134 -0.89 9.61 -15.32
C ASP A 134 -2.38 9.87 -15.18
N LYS A 135 -2.85 10.94 -15.82
CA LYS A 135 -4.26 11.30 -15.76
C LYS A 135 -5.14 10.23 -16.42
N GLU A 136 -4.69 9.71 -17.55
CA GLU A 136 -5.46 8.67 -18.22
C GLU A 136 -5.59 7.42 -17.35
N VAL A 137 -4.53 7.06 -16.62
CA VAL A 137 -4.61 5.92 -15.73
C VAL A 137 -5.64 6.17 -14.63
N GLU A 138 -5.60 7.36 -14.04
CA GLU A 138 -6.55 7.74 -12.99
C GLU A 138 -8.00 7.65 -13.48
N LEU A 139 -8.27 8.18 -14.67
CA LEU A 139 -9.63 8.18 -15.21
C LEU A 139 -10.08 6.77 -15.52
N LEU A 140 -9.21 5.98 -16.14
CA LEU A 140 -9.55 4.61 -16.49
C LEU A 140 -9.79 3.75 -15.25
N ALA A 141 -8.96 3.91 -14.22
CA ALA A 141 -9.11 3.13 -12.99
C ALA A 141 -10.51 3.33 -12.41
N GLU A 142 -10.94 4.58 -12.33
CA GLU A 142 -12.27 4.90 -11.82
C GLU A 142 -13.36 4.27 -12.69
N ARG A 143 -13.22 4.33 -14.02
CA ARG A 143 -14.18 3.66 -14.90
C ARG A 143 -14.24 2.16 -14.62
N MET A 144 -13.08 1.53 -14.48
CA MET A 144 -13.00 0.09 -14.27
C MET A 144 -13.74 -0.34 -13.01
N VAL A 145 -13.63 0.44 -11.95
CA VAL A 145 -14.32 0.09 -10.69
C VAL A 145 -15.83 0.08 -10.90
N GLY A 146 -16.34 0.99 -11.75
CA GLY A 146 -17.75 1.00 -12.10
C GLY A 146 -18.16 -0.19 -12.96
N TRP A 147 -17.28 -0.61 -13.85
CA TRP A 147 -17.60 -1.68 -14.81
C TRP A 147 -17.77 -3.04 -14.15
N ILE A 148 -16.94 -3.32 -13.15
CA ILE A 148 -17.09 -4.61 -12.49
C ILE A 148 -18.20 -4.60 -11.44
N LYS A 149 -18.79 -5.78 -11.26
CA LYS A 149 -19.75 -5.99 -10.20
C LYS A 149 -19.05 -5.97 -8.85
N VAL A 150 -19.82 -5.71 -7.81
CA VAL A 150 -19.31 -5.91 -6.46
C VAL A 150 -18.92 -7.38 -6.35
N GLY A 151 -17.71 -7.63 -5.85
CA GLY A 151 -17.16 -8.97 -5.81
C GLY A 151 -16.34 -9.31 -7.04
N GLY A 152 -16.43 -8.48 -8.08
CA GLY A 152 -15.63 -8.68 -9.28
C GLY A 152 -14.18 -8.25 -9.10
N TYR A 153 -13.36 -8.54 -10.10
CA TYR A 153 -11.92 -8.36 -9.98
C TYR A 153 -11.30 -7.54 -11.11
N ILE A 154 -10.16 -6.91 -10.81
CA ILE A 154 -9.29 -6.27 -11.79
C ILE A 154 -7.91 -6.87 -11.66
N PHE A 155 -7.33 -7.28 -12.78
CA PHE A 155 -5.93 -7.72 -12.82
C PHE A 155 -5.20 -6.83 -13.81
N PHE A 156 -4.04 -6.30 -13.40
CA PHE A 156 -3.16 -5.62 -14.36
C PHE A 156 -1.71 -5.90 -14.02
N ARG A 157 -0.83 -5.65 -14.97
CA ARG A 157 0.58 -5.99 -14.85
C ARG A 157 1.36 -5.01 -15.71
N GLU A 158 2.44 -4.44 -15.16
CA GLU A 158 3.18 -3.40 -15.88
C GLU A 158 4.68 -3.54 -15.67
N SER A 159 5.47 -3.01 -16.61
CA SER A 159 6.89 -2.79 -16.35
C SER A 159 7.03 -1.58 -15.45
N CYS A 160 7.61 -1.78 -14.27
CA CYS A 160 7.87 -0.68 -13.35
C CYS A 160 9.36 -0.31 -13.35
N PHE A 161 9.64 0.94 -12.99
CA PHE A 161 11.00 1.46 -12.81
C PHE A 161 11.75 1.72 -14.11
N HIS A 162 11.83 0.73 -14.98
CA HIS A 162 12.55 0.90 -16.23
C HIS A 162 12.20 -0.20 -17.23
N GLN A 163 12.63 0.02 -18.47
CA GLN A 163 12.39 -0.88 -19.59
C GLN A 163 12.91 -2.29 -19.33
N SER A 164 12.09 -3.28 -19.65
CA SER A 164 12.47 -4.68 -19.45
C SER A 164 13.19 -5.27 -20.67
N GLY A 165 12.61 -5.08 -21.86
CA GLY A 165 13.12 -5.70 -23.07
C GLY A 165 14.43 -5.13 -23.56
N ASP A 166 15.12 -5.92 -24.38
CA ASP A 166 16.43 -5.52 -24.89
C ASP A 166 16.42 -5.05 -26.35
N SER A 167 15.24 -5.02 -26.97
CA SER A 167 15.15 -4.65 -28.38
C SER A 167 15.48 -3.18 -28.59
N LYS A 168 15.99 -2.87 -29.79
CA LYS A 168 16.34 -1.51 -30.15
C LYS A 168 15.09 -0.72 -30.55
N ARG A 169 14.98 0.50 -30.01
CA ARG A 169 13.80 1.32 -30.23
C ARG A 169 14.16 2.77 -30.51
N LYS A 170 13.78 3.27 -31.68
CA LYS A 170 14.14 4.63 -32.08
C LYS A 170 13.43 5.67 -31.22
N SER A 171 12.23 5.32 -30.75
CA SER A 171 11.49 6.17 -29.84
C SER A 171 10.70 5.32 -28.87
N ASN A 172 10.39 5.88 -27.71
CA ASN A 172 9.77 5.09 -26.65
C ASN A 172 9.04 5.99 -25.67
N PRO A 173 7.70 6.07 -25.79
CA PRO A 173 6.88 6.90 -24.93
C PRO A 173 6.40 6.18 -23.67
N THR A 174 6.86 4.96 -23.44
CA THR A 174 6.41 4.16 -22.31
C THR A 174 6.67 4.88 -20.97
N HIS A 175 5.72 4.77 -20.06
CA HIS A 175 5.88 5.27 -18.70
C HIS A 175 6.31 4.12 -17.80
N TYR A 176 7.53 4.19 -17.28
CA TYR A 176 8.03 3.22 -16.32
C TYR A 176 7.93 3.80 -14.91
N ARG A 177 6.84 3.47 -14.24
CA ARG A 177 6.49 4.10 -12.97
C ARG A 177 6.97 3.32 -11.77
N GLU A 178 6.96 3.96 -10.61
CA GLU A 178 7.12 3.23 -9.36
C GLU A 178 5.82 2.50 -9.06
N PRO A 179 5.91 1.28 -8.50
CA PRO A 179 4.69 0.52 -8.18
C PRO A 179 3.73 1.28 -7.29
N ARG A 180 4.25 2.13 -6.41
CA ARG A 180 3.37 2.86 -5.51
C ARG A 180 2.39 3.78 -6.24
N PHE A 181 2.71 4.20 -7.46
CA PHE A 181 1.75 4.98 -8.23
C PHE A 181 0.49 4.17 -8.49
N TYR A 182 0.65 2.95 -8.98
CA TYR A 182 -0.51 2.11 -9.28
C TYR A 182 -1.29 1.71 -8.04
N SER A 183 -0.57 1.35 -6.99
CA SER A 183 -1.22 1.01 -5.72
C SER A 183 -2.05 2.17 -5.22
N LYS A 184 -1.51 3.38 -5.25
CA LYS A 184 -2.24 4.55 -4.78
C LYS A 184 -3.45 4.86 -5.66
N VAL A 185 -3.26 4.92 -6.96
CA VAL A 185 -4.34 5.33 -7.84
C VAL A 185 -5.54 4.39 -7.71
N PHE A 186 -5.30 3.09 -7.74
CA PHE A 186 -6.41 2.16 -7.65
C PHE A 186 -7.04 2.13 -6.27
N GLN A 187 -6.25 2.29 -5.21
CA GLN A 187 -6.82 2.29 -3.88
C GLN A 187 -7.65 3.55 -3.63
N GLU A 188 -7.32 4.65 -4.31
CA GLU A 188 -8.07 5.89 -4.15
C GLU A 188 -9.42 5.92 -4.85
N CYS A 189 -9.64 5.00 -5.78
CA CYS A 189 -10.94 4.94 -6.46
C CYS A 189 -12.08 4.76 -5.48
N GLN A 190 -13.22 5.32 -5.82
CA GLN A 190 -14.40 5.24 -5.00
C GLN A 190 -15.58 5.38 -5.93
N THR A 191 -16.57 4.51 -5.78
CA THR A 191 -17.82 4.66 -6.53
C THR A 191 -18.98 4.66 -5.55
N ARG A 192 -20.12 5.11 -6.03
CA ARG A 192 -21.34 5.11 -5.23
C ARG A 192 -22.48 4.86 -6.18
N ASP A 193 -23.37 3.93 -5.82
CA ASP A 193 -24.50 3.62 -6.70
C ASP A 193 -25.68 4.56 -6.41
N ALA A 194 -26.73 4.45 -7.22
CA ALA A 194 -27.84 5.39 -7.12
C ALA A 194 -28.61 5.24 -5.82
N ALA A 195 -28.47 4.10 -5.15
CA ALA A 195 -29.10 3.87 -3.86
C ALA A 195 -28.26 4.40 -2.72
N GLY A 196 -27.08 4.91 -3.05
CA GLY A 196 -26.22 5.57 -2.07
C GLY A 196 -25.17 4.67 -1.45
N ASN A 197 -25.09 3.43 -1.89
CA ASN A 197 -24.09 2.53 -1.35
C ASN A 197 -22.72 2.77 -1.98
N SER A 198 -21.70 2.82 -1.14
N SER A 198 -21.69 2.84 -1.16
CA SER A 198 -20.33 3.14 -1.55
CA SER A 198 -20.36 3.14 -1.66
C SER A 198 -19.45 1.89 -1.73
C SER A 198 -19.48 1.90 -1.76
N PHE A 199 -18.53 1.96 -2.69
CA PHE A 199 -17.64 0.83 -2.98
C PHE A 199 -16.22 1.33 -3.22
N GLU A 200 -15.28 0.43 -3.03
CA GLU A 200 -13.88 0.70 -3.36
C GLU A 200 -13.22 -0.64 -3.65
N LEU A 201 -11.94 -0.61 -3.94
CA LEU A 201 -11.21 -1.85 -4.18
C LEU A 201 -10.48 -2.33 -2.94
N SER A 202 -10.36 -3.64 -2.84
CA SER A 202 -9.52 -4.28 -1.84
C SER A 202 -8.37 -4.93 -2.60
N MET A 203 -7.14 -4.73 -2.12
N MET A 203 -7.14 -4.68 -2.17
CA MET A 203 -5.95 -5.28 -2.78
CA MET A 203 -6.05 -5.35 -2.86
C MET A 203 -5.77 -6.76 -2.40
C MET A 203 -5.92 -6.77 -2.38
N ILE A 204 -6.05 -7.67 -3.35
CA ILE A 204 -5.99 -9.10 -3.11
C ILE A 204 -4.55 -9.60 -3.15
N GLY A 205 -3.75 -9.07 -4.06
CA GLY A 205 -2.37 -9.48 -4.18
C GLY A 205 -1.57 -8.56 -5.06
N CYS A 206 -0.28 -8.44 -4.75
CA CYS A 206 0.66 -7.71 -5.58
C CYS A 206 1.98 -8.42 -5.52
N LYS A 207 2.50 -8.81 -6.68
CA LYS A 207 3.76 -9.53 -6.69
C LYS A 207 4.46 -9.40 -8.02
N CYS A 208 5.75 -9.69 -8.03
CA CYS A 208 6.50 -9.68 -9.27
C CYS A 208 6.33 -11.00 -10.01
N ILE A 209 6.49 -10.97 -11.33
CA ILE A 209 6.34 -12.16 -12.16
C ILE A 209 7.62 -12.98 -12.12
N GLY A 210 7.52 -14.20 -11.62
CA GLY A 210 8.67 -15.09 -11.43
C GLY A 210 9.46 -15.41 -12.67
N ALA A 211 8.77 -15.53 -13.81
CA ALA A 211 9.45 -15.87 -15.06
C ALA A 211 10.49 -14.80 -15.42
N TYR A 212 10.20 -13.55 -15.05
CA TYR A 212 11.13 -12.46 -15.33
C TYR A 212 12.25 -12.32 -14.30
N VAL A 213 11.96 -12.68 -13.05
CA VAL A 213 13.01 -12.77 -12.05
C VAL A 213 14.04 -13.83 -12.48
N LYS A 214 13.54 -14.99 -12.91
CA LYS A 214 14.41 -16.07 -13.35
C LYS A 214 15.22 -15.72 -14.60
N ASN A 215 14.55 -15.11 -15.58
CA ASN A 215 15.16 -14.88 -16.88
C ASN A 215 15.90 -13.55 -17.03
N LYS A 216 15.34 -12.49 -16.45
CA LYS A 216 15.89 -11.15 -16.60
C LYS A 216 16.61 -10.65 -15.34
N LYS A 217 16.54 -11.44 -14.27
CA LYS A 217 17.16 -11.12 -12.99
C LYS A 217 16.70 -9.77 -12.42
N ASN A 218 15.43 -9.44 -12.61
CA ASN A 218 14.88 -8.28 -11.96
C ASN A 218 13.43 -8.47 -11.56
N GLN A 219 12.98 -7.65 -10.62
CA GLN A 219 11.66 -7.82 -10.04
C GLN A 219 10.76 -6.65 -10.41
N ASN A 220 10.88 -6.19 -11.64
N ASN A 220 10.91 -6.19 -11.64
CA ASN A 220 10.14 -5.00 -12.10
CA ASN A 220 10.20 -5.01 -12.12
C ASN A 220 8.86 -5.31 -12.84
C ASN A 220 8.90 -5.31 -12.87
N GLN A 221 8.63 -6.59 -13.11
CA GLN A 221 7.39 -7.01 -13.75
C GLN A 221 6.39 -7.32 -12.64
N ILE A 222 5.51 -6.37 -12.38
CA ILE A 222 4.67 -6.45 -11.18
C ILE A 222 3.21 -6.48 -11.57
N CYS A 223 2.46 -7.38 -10.96
CA CYS A 223 1.02 -7.46 -11.19
C CYS A 223 0.24 -7.17 -9.91
N TRP A 224 -0.99 -6.74 -10.10
CA TRP A 224 -1.92 -6.41 -9.04
C TRP A 224 -3.23 -7.12 -9.30
N ILE A 225 -3.85 -7.59 -8.21
CA ILE A 225 -5.22 -8.13 -8.25
C ILE A 225 -6.02 -7.36 -7.22
N TRP A 226 -7.13 -6.79 -7.67
CA TRP A 226 -8.04 -6.04 -6.82
C TRP A 226 -9.44 -6.64 -6.88
N GLN A 227 -10.21 -6.51 -5.80
CA GLN A 227 -11.61 -6.94 -5.79
C GLN A 227 -12.48 -5.78 -5.32
N LYS A 228 -13.61 -5.57 -5.98
CA LYS A 228 -14.55 -4.52 -5.58
C LYS A 228 -15.34 -4.96 -4.35
N VAL A 229 -15.36 -4.10 -3.33
CA VAL A 229 -15.99 -4.41 -2.05
C VAL A 229 -16.80 -3.23 -1.56
N SER A 230 -17.75 -3.49 -0.67
CA SER A 230 -18.50 -2.45 -0.02
C SER A 230 -17.56 -1.58 0.80
N SER A 231 -17.85 -0.27 0.82
CA SER A 231 -17.02 0.73 1.48
C SER A 231 -17.91 1.58 2.38
N GLU A 232 -18.11 1.12 3.61
CA GLU A 232 -19.07 1.75 4.52
C GLU A 232 -18.53 2.97 5.27
N ASN A 233 -17.22 3.02 5.48
CA ASN A 233 -16.61 4.10 6.25
C ASN A 233 -16.40 5.38 5.45
N ASP A 234 -16.69 6.53 6.07
CA ASP A 234 -16.32 7.82 5.50
C ASP A 234 -14.81 7.90 5.37
N ARG A 235 -14.32 8.39 4.24
CA ARG A 235 -12.89 8.37 3.97
C ARG A 235 -12.22 9.73 4.23
N GLY A 236 -12.94 10.64 4.88
CA GLY A 236 -12.40 11.95 5.20
C GLY A 236 -11.14 11.94 6.04
N PHE A 237 -11.08 11.11 7.09
CA PHE A 237 -9.88 11.10 7.92
C PHE A 237 -8.69 10.50 7.16
N GLN A 238 -8.95 9.45 6.39
CA GLN A 238 -7.93 8.90 5.50
C GLN A 238 -7.35 9.99 4.59
N ARG A 239 -8.23 10.79 4.00
CA ARG A 239 -7.78 11.88 3.13
C ARG A 239 -6.96 12.91 3.89
N PHE A 240 -7.37 13.22 5.12
CA PHE A 240 -6.60 14.14 5.96
C PHE A 240 -5.19 13.61 6.18
N LEU A 241 -5.06 12.33 6.48
CA LEU A 241 -3.74 11.73 6.68
C LEU A 241 -2.89 11.82 5.40
N ASP A 242 -3.48 11.45 4.27
CA ASP A 242 -2.77 11.41 3.01
C ASP A 242 -2.50 12.78 2.40
N ASN A 243 -3.23 13.81 2.84
CA ASN A 243 -3.10 15.14 2.25
C ASN A 243 -2.33 16.12 3.10
N VAL A 244 -2.22 15.84 4.40
CA VAL A 244 -1.58 16.77 5.30
C VAL A 244 -0.29 16.18 5.91
N GLN A 245 -0.39 15.48 7.04
CA GLN A 245 0.82 15.04 7.72
C GLN A 245 1.56 13.95 6.95
N TYR A 246 0.82 13.08 6.28
CA TYR A 246 1.44 11.96 5.59
C TYR A 246 1.23 12.00 4.09
N LYS A 247 1.30 13.19 3.52
CA LYS A 247 1.51 13.31 2.09
C LYS A 247 2.84 12.62 1.77
N SER A 248 3.01 12.17 0.54
CA SER A 248 4.19 11.39 0.19
C SER A 248 5.50 12.09 0.55
N SER A 249 5.59 13.40 0.29
CA SER A 249 6.80 14.15 0.65
C SER A 249 6.98 14.25 2.17
N GLY A 250 5.87 14.27 2.90
CA GLY A 250 5.94 14.30 4.35
C GLY A 250 6.47 12.98 4.88
N ILE A 251 6.00 11.89 4.30
CA ILE A 251 6.50 10.57 4.68
C ILE A 251 7.98 10.44 4.38
N LEU A 252 8.39 10.81 3.18
CA LEU A 252 9.78 10.66 2.78
C LEU A 252 10.74 11.54 3.60
N ARG A 253 10.31 12.76 3.91
CA ARG A 253 11.16 13.62 4.73
C ARG A 253 11.23 13.13 6.19
N TYR A 254 10.13 12.60 6.71
CA TYR A 254 10.13 11.99 8.02
C TYR A 254 11.07 10.79 8.02
N GLU A 255 11.00 9.96 6.99
CA GLU A 255 11.89 8.80 6.90
C GLU A 255 13.36 9.22 6.92
N ARG A 256 13.69 10.31 6.23
CA ARG A 256 15.07 10.79 6.23
C ARG A 256 15.54 11.09 7.65
N VAL A 257 14.65 11.67 8.47
N VAL A 257 14.65 11.66 8.46
CA VAL A 257 15.00 12.03 9.85
CA VAL A 257 15.04 12.03 9.83
C VAL A 257 15.06 10.81 10.77
C VAL A 257 15.03 10.85 10.80
N PHE A 258 14.04 9.97 10.69
CA PHE A 258 13.90 8.85 11.63
C PHE A 258 14.78 7.65 11.30
N GLY A 259 14.99 7.40 10.01
CA GLY A 259 15.75 6.26 9.54
C GLY A 259 14.99 5.43 8.54
N GLN A 260 15.76 4.76 7.68
CA GLN A 260 15.22 3.98 6.58
C GLN A 260 14.18 3.01 7.07
N GLY A 261 13.01 3.11 6.47
CA GLY A 261 11.86 2.29 6.81
C GLY A 261 10.98 2.72 7.98
N PHE A 262 11.30 3.84 8.56
CA PHE A 262 10.55 4.25 9.76
C PHE A 262 10.03 5.65 9.66
N VAL A 263 8.95 5.91 10.36
CA VAL A 263 8.29 7.21 10.39
C VAL A 263 8.04 7.59 11.84
N SER A 264 8.81 7.03 12.76
CA SER A 264 8.68 7.41 14.16
C SER A 264 9.95 7.25 14.96
N THR A 265 9.89 7.79 16.16
CA THR A 265 10.94 7.92 17.14
C THR A 265 12.01 6.85 17.11
N GLY A 266 13.23 7.25 16.76
CA GLY A 266 14.38 6.38 16.98
C GLY A 266 14.64 5.34 15.91
N GLY A 267 13.78 5.24 14.89
CA GLY A 267 14.04 4.33 13.79
C GLY A 267 14.32 2.90 14.24
N LEU A 268 15.38 2.31 13.71
CA LEU A 268 15.69 0.91 13.99
C LEU A 268 16.11 0.70 15.45
N GLU A 269 16.79 1.68 16.03
CA GLU A 269 17.33 1.54 17.38
C GLU A 269 16.26 1.25 18.42
N THR A 270 15.22 2.07 18.44
CA THR A 270 14.12 1.87 19.39
C THR A 270 13.34 0.61 19.03
N THR A 271 13.19 0.35 17.73
CA THR A 271 12.51 -0.86 17.29
C THR A 271 13.21 -2.13 17.80
N LYS A 272 14.53 -2.21 17.68
CA LYS A 272 15.25 -3.36 18.20
C LYS A 272 15.02 -3.51 19.71
N GLU A 273 15.08 -2.40 20.43
CA GLU A 273 14.92 -2.39 21.87
C GLU A 273 13.53 -2.89 22.28
N PHE A 274 12.50 -2.41 21.58
CA PHE A 274 11.13 -2.75 21.97
C PHE A 274 10.72 -4.14 21.50
N VAL A 275 11.09 -4.51 20.27
CA VAL A 275 10.75 -5.83 19.77
C VAL A 275 11.33 -6.95 20.64
N GLU A 276 12.50 -6.70 21.21
N GLU A 276 12.51 -6.72 21.21
CA GLU A 276 13.15 -7.67 22.10
CA GLU A 276 13.12 -7.71 22.08
C GLU A 276 12.25 -8.07 23.26
C GLU A 276 12.22 -8.08 23.26
N LYS A 277 11.44 -7.11 23.73
CA LYS A 277 10.56 -7.33 24.89
C LYS A 277 9.39 -8.26 24.59
N MET A 278 9.15 -8.54 23.31
N MET A 278 9.15 -8.54 23.33
CA MET A 278 8.05 -9.40 22.86
CA MET A 278 7.99 -9.32 22.94
C MET A 278 8.30 -10.88 23.04
C MET A 278 8.27 -10.82 22.90
N ASN A 279 9.57 -11.27 23.05
N ASN A 279 9.55 -11.20 23.05
CA ASN A 279 9.94 -12.68 23.09
CA ASN A 279 9.98 -12.61 23.05
C ASN A 279 9.34 -13.43 21.90
C ASN A 279 9.36 -13.40 21.91
N LEU A 280 9.50 -12.87 20.71
CA LEU A 280 8.93 -13.47 19.51
C LEU A 280 9.55 -14.83 19.21
N LYS A 281 8.67 -15.79 18.90
CA LYS A 281 9.08 -17.14 18.53
C LYS A 281 8.69 -17.41 17.09
N PRO A 282 9.47 -18.24 16.38
CA PRO A 282 9.14 -18.52 14.97
C PRO A 282 7.71 -19.03 14.82
N GLY A 283 7.00 -18.49 13.83
CA GLY A 283 5.64 -18.94 13.56
C GLY A 283 4.57 -18.13 14.25
N GLN A 284 4.95 -17.28 15.21
CA GLN A 284 3.95 -16.44 15.87
C GLN A 284 3.42 -15.38 14.91
N LYS A 285 2.28 -14.80 15.25
CA LYS A 285 1.64 -13.81 14.40
C LYS A 285 1.51 -12.49 15.13
N VAL A 286 1.98 -11.43 14.50
CA VAL A 286 1.99 -10.09 15.07
C VAL A 286 1.09 -9.17 14.26
N LEU A 287 0.22 -8.42 14.91
CA LEU A 287 -0.54 -7.35 14.26
C LEU A 287 0.21 -6.05 14.50
N ASP A 288 0.58 -5.34 13.45
CA ASP A 288 1.17 -4.01 13.57
C ASP A 288 0.12 -2.97 13.21
N VAL A 289 -0.36 -2.26 14.22
CA VAL A 289 -1.38 -1.23 14.06
C VAL A 289 -0.72 0.10 13.74
N GLY A 290 -0.87 0.55 12.50
CA GLY A 290 -0.21 1.75 12.00
C GLY A 290 1.15 1.40 11.41
N CYS A 291 1.19 0.45 10.49
CA CYS A 291 2.47 -0.13 10.07
C CYS A 291 3.33 0.81 9.21
N GLY A 292 2.77 1.93 8.76
CA GLY A 292 3.54 2.89 7.99
C GLY A 292 4.13 2.30 6.73
N ILE A 293 5.43 2.53 6.52
CA ILE A 293 6.11 2.09 5.30
C ILE A 293 6.79 0.73 5.49
N GLY A 294 6.59 0.09 6.64
CA GLY A 294 6.89 -1.31 6.80
C GLY A 294 8.20 -1.71 7.43
N GLY A 295 9.08 -0.76 7.73
CA GLY A 295 10.40 -1.10 8.25
C GLY A 295 10.41 -1.97 9.49
N GLY A 296 9.51 -1.69 10.43
CA GLY A 296 9.45 -2.49 11.64
C GLY A 296 8.91 -3.90 11.41
N ASP A 297 8.06 -4.01 10.39
CA ASP A 297 7.47 -5.29 10.02
C ASP A 297 8.47 -6.19 9.32
N PHE A 298 9.21 -5.64 8.37
CA PHE A 298 10.31 -6.37 7.76
C PHE A 298 11.30 -6.80 8.85
N TYR A 299 11.58 -5.92 9.80
CA TYR A 299 12.52 -6.27 10.87
C TYR A 299 12.04 -7.47 11.69
N MET A 300 10.80 -7.41 12.18
CA MET A 300 10.28 -8.52 12.98
C MET A 300 10.28 -9.83 12.19
N ALA A 301 9.79 -9.77 10.97
CA ALA A 301 9.66 -10.97 10.15
C ALA A 301 11.01 -11.58 9.83
N GLU A 302 11.99 -10.73 9.50
CA GLU A 302 13.32 -11.20 9.11
C GLU A 302 14.14 -11.71 10.29
N LYS A 303 14.11 -10.98 11.39
CA LYS A 303 14.91 -11.36 12.55
C LYS A 303 14.32 -12.56 13.30
N PHE A 304 13.00 -12.60 13.41
CA PHE A 304 12.33 -13.54 14.31
C PHE A 304 11.47 -14.61 13.64
N ASP A 305 11.35 -14.57 12.31
CA ASP A 305 10.62 -15.60 11.57
C ASP A 305 9.15 -15.66 11.99
N VAL A 306 8.56 -14.50 12.26
CA VAL A 306 7.14 -14.39 12.54
C VAL A 306 6.37 -13.95 11.30
N HIS A 307 5.05 -14.11 11.33
CA HIS A 307 4.20 -13.52 10.30
C HIS A 307 3.66 -12.20 10.82
N VAL A 308 3.83 -11.13 10.05
CA VAL A 308 3.31 -9.84 10.45
C VAL A 308 2.13 -9.43 9.58
N VAL A 309 1.06 -9.03 10.23
CA VAL A 309 -0.12 -8.48 9.60
C VAL A 309 -0.08 -6.98 9.88
N GLY A 310 0.17 -6.18 8.86
CA GLY A 310 0.32 -4.75 9.02
C GLY A 310 -0.85 -4.00 8.45
N ILE A 311 -1.44 -3.10 9.24
CA ILE A 311 -2.50 -2.25 8.74
C ILE A 311 -2.18 -0.78 8.95
N ASP A 312 -2.64 0.04 8.01
CA ASP A 312 -2.45 1.47 8.11
C ASP A 312 -3.55 2.12 7.31
N LEU A 313 -4.06 3.24 7.80
CA LEU A 313 -5.17 3.92 7.13
C LEU A 313 -4.71 4.74 5.92
N SER A 314 -3.43 5.12 5.92
CA SER A 314 -2.90 5.95 4.85
C SER A 314 -2.65 5.14 3.58
N VAL A 315 -3.28 5.57 2.50
CA VAL A 315 -3.03 4.96 1.19
C VAL A 315 -1.56 5.18 0.80
N ASN A 316 -1.02 6.35 1.08
CA ASN A 316 0.38 6.63 0.78
C ASN A 316 1.32 5.65 1.48
N MET A 317 1.10 5.44 2.77
CA MET A 317 1.93 4.54 3.56
C MET A 317 1.95 3.13 2.99
N ILE A 318 0.77 2.56 2.80
CA ILE A 318 0.69 1.20 2.31
C ILE A 318 1.25 1.07 0.89
N SER A 319 1.06 2.10 0.07
N SER A 319 1.09 2.10 0.06
CA SER A 319 1.62 2.10 -1.28
CA SER A 319 1.65 2.05 -1.29
C SER A 319 3.14 1.96 -1.25
C SER A 319 3.17 1.96 -1.25
N PHE A 320 3.79 2.66 -0.30
CA PHE A 320 5.23 2.50 -0.09
C PHE A 320 5.55 1.09 0.43
N ALA A 321 4.83 0.63 1.44
CA ALA A 321 5.10 -0.67 2.03
C ALA A 321 5.00 -1.80 0.99
N LEU A 322 3.97 -1.76 0.15
CA LEU A 322 3.80 -2.79 -0.88
C LEU A 322 4.92 -2.76 -1.92
N GLU A 323 5.41 -1.57 -2.23
CA GLU A 323 6.51 -1.43 -3.18
C GLU A 323 7.78 -2.04 -2.59
N ARG A 324 8.03 -1.75 -1.32
CA ARG A 324 9.25 -2.21 -0.67
C ARG A 324 9.23 -3.68 -0.34
N ALA A 325 8.04 -4.26 -0.30
CA ALA A 325 7.88 -5.70 -0.01
C ALA A 325 8.12 -6.59 -1.22
N ILE A 326 8.13 -6.00 -2.41
CA ILE A 326 8.30 -6.78 -3.64
C ILE A 326 9.56 -7.63 -3.58
N GLY A 327 9.40 -8.93 -3.80
CA GLY A 327 10.54 -9.82 -3.90
C GLY A 327 11.10 -10.35 -2.59
N LEU A 328 10.56 -9.89 -1.46
CA LEU A 328 11.07 -10.32 -0.15
C LEU A 328 10.61 -11.73 0.23
N SER A 329 11.47 -12.46 0.95
CA SER A 329 11.15 -13.82 1.35
C SER A 329 10.43 -13.87 2.70
N CYS A 330 10.48 -12.78 3.45
CA CYS A 330 9.87 -12.75 4.77
C CYS A 330 8.34 -12.67 4.73
N SER A 331 7.71 -13.07 5.83
CA SER A 331 6.26 -13.25 5.86
C SER A 331 5.54 -12.01 6.41
N VAL A 332 5.23 -11.08 5.50
N VAL A 332 5.21 -11.07 5.53
CA VAL A 332 4.53 -9.86 5.85
CA VAL A 332 4.52 -9.85 5.91
C VAL A 332 3.36 -9.63 4.91
C VAL A 332 3.39 -9.59 4.93
N GLU A 333 2.27 -9.10 5.44
CA GLU A 333 1.16 -8.68 4.60
C GLU A 333 0.74 -7.29 5.04
N PHE A 334 0.32 -6.46 4.09
CA PHE A 334 -0.05 -5.09 4.35
C PHE A 334 -1.43 -4.82 3.81
N GLU A 335 -2.20 -4.01 4.52
CA GLU A 335 -3.54 -3.63 4.08
C GLU A 335 -3.88 -2.21 4.52
N VAL A 336 -4.52 -1.46 3.63
CA VAL A 336 -5.13 -0.19 4.00
C VAL A 336 -6.40 -0.49 4.81
N ALA A 337 -6.41 -0.05 6.06
CA ALA A 337 -7.53 -0.29 6.95
C ALA A 337 -7.48 0.67 8.11
N ASP A 338 -8.65 0.98 8.64
CA ASP A 338 -8.79 1.80 9.84
C ASP A 338 -8.80 0.85 11.03
N CYS A 339 -7.84 0.98 11.94
CA CYS A 339 -7.81 0.08 13.09
C CYS A 339 -9.04 0.18 14.00
N THR A 340 -9.79 1.27 13.89
CA THR A 340 -10.97 1.47 14.74
C THR A 340 -12.23 0.86 14.15
N THR A 341 -12.17 0.40 12.89
CA THR A 341 -13.33 -0.25 12.27
C THR A 341 -13.03 -1.65 11.73
N LYS A 342 -11.75 -1.98 11.59
CA LYS A 342 -11.36 -3.29 11.06
C LYS A 342 -11.85 -4.41 11.95
N HIS A 343 -12.24 -5.53 11.36
CA HIS A 343 -12.63 -6.70 12.13
C HIS A 343 -11.59 -7.80 11.99
N TYR A 344 -11.24 -8.43 13.12
CA TYR A 344 -10.51 -9.68 13.14
C TYR A 344 -11.20 -10.63 14.08
N PRO A 345 -11.03 -11.94 13.88
CA PRO A 345 -11.57 -12.90 14.85
C PRO A 345 -10.92 -12.74 16.22
N ASP A 346 -11.65 -13.09 17.26
CA ASP A 346 -11.06 -13.19 18.60
C ASP A 346 -9.84 -14.13 18.55
N ASN A 347 -8.85 -13.86 19.39
CA ASN A 347 -7.73 -14.78 19.58
C ASN A 347 -6.91 -15.01 18.30
N SER A 348 -6.65 -13.94 17.57
CA SER A 348 -5.93 -14.02 16.30
C SER A 348 -4.42 -13.84 16.41
N PHE A 349 -3.96 -13.03 17.35
CA PHE A 349 -2.56 -12.59 17.34
C PHE A 349 -1.79 -12.93 18.60
N ASP A 350 -0.53 -13.32 18.45
CA ASP A 350 0.36 -13.50 19.60
C ASP A 350 0.79 -12.17 20.20
N VAL A 351 0.96 -11.17 19.36
CA VAL A 351 1.37 -9.83 19.78
C VAL A 351 0.60 -8.81 18.99
N ILE A 352 0.15 -7.76 19.66
CA ILE A 352 -0.32 -6.54 19.00
C ILE A 352 0.70 -5.45 19.29
N TYR A 353 1.20 -4.82 18.23
CA TYR A 353 2.33 -3.90 18.30
C TYR A 353 1.89 -2.61 17.65
N SER A 354 2.21 -1.47 18.26
CA SER A 354 1.85 -0.19 17.65
C SER A 354 2.87 0.86 18.06
N ARG A 355 3.39 1.60 17.08
CA ARG A 355 4.39 2.63 17.34
C ARG A 355 3.91 3.98 16.86
N ASP A 356 3.71 4.87 17.83
CA ASP A 356 3.35 6.28 17.60
C ASP A 356 2.27 6.45 16.55
N THR A 357 1.19 5.69 16.75
CA THR A 357 0.03 5.64 15.88
C THR A 357 -1.25 6.01 16.63
N ILE A 358 -1.36 5.58 17.90
CA ILE A 358 -2.63 5.65 18.61
C ILE A 358 -2.97 7.08 19.05
N LEU A 359 -2.00 7.99 18.97
CA LEU A 359 -2.28 9.42 19.12
C LEU A 359 -3.27 9.94 18.07
N HIS A 360 -3.40 9.21 16.96
CA HIS A 360 -4.38 9.57 15.91
C HIS A 360 -5.76 8.98 16.17
N ILE A 361 -5.92 8.21 17.24
CA ILE A 361 -7.17 7.51 17.53
C ILE A 361 -7.88 8.26 18.66
N GLN A 362 -9.15 8.61 18.44
CA GLN A 362 -9.88 9.42 19.41
C GLN A 362 -10.49 8.64 20.57
N ASP A 363 -10.86 7.39 20.34
CA ASP A 363 -11.49 6.56 21.37
C ASP A 363 -10.57 5.38 21.68
N LYS A 364 -9.57 5.65 22.51
CA LYS A 364 -8.61 4.62 22.88
C LYS A 364 -9.22 3.47 23.70
N PRO A 365 -10.12 3.76 24.65
CA PRO A 365 -10.73 2.62 25.37
C PRO A 365 -11.42 1.62 24.43
N ALA A 366 -12.16 2.11 23.43
CA ALA A 366 -12.82 1.22 22.49
C ALA A 366 -11.78 0.39 21.72
N LEU A 367 -10.70 1.03 21.29
CA LEU A 367 -9.63 0.34 20.58
C LEU A 367 -9.00 -0.74 21.46
N PHE A 368 -8.73 -0.39 22.71
CA PHE A 368 -8.07 -1.34 23.61
C PHE A 368 -8.95 -2.53 23.95
N ARG A 369 -10.26 -2.31 24.06
CA ARG A 369 -11.18 -3.43 24.26
C ARG A 369 -11.14 -4.36 23.05
N THR A 370 -10.98 -3.76 21.89
N THR A 370 -11.04 -3.81 21.84
CA THR A 370 -10.89 -4.55 20.69
CA THR A 370 -10.88 -4.68 20.66
C THR A 370 -9.58 -5.34 20.65
C THR A 370 -9.55 -5.41 20.67
N PHE A 371 -8.48 -4.71 21.05
CA PHE A 371 -7.18 -5.38 21.14
C PHE A 371 -7.27 -6.56 22.10
N PHE A 372 -7.97 -6.38 23.22
CA PHE A 372 -8.11 -7.45 24.19
C PHE A 372 -8.74 -8.69 23.56
N LYS A 373 -9.78 -8.49 22.75
CA LYS A 373 -10.41 -9.62 22.07
C LYS A 373 -9.50 -10.27 21.03
N TRP A 374 -8.78 -9.45 20.27
CA TRP A 374 -7.98 -9.95 19.15
C TRP A 374 -6.75 -10.72 19.60
N LEU A 375 -6.25 -10.41 20.79
CA LEU A 375 -5.03 -11.05 21.30
C LEU A 375 -5.34 -12.46 21.76
N LYS A 376 -4.45 -13.39 21.47
CA LYS A 376 -4.56 -14.75 22.02
C LYS A 376 -4.35 -14.70 23.53
N PRO A 377 -4.98 -15.62 24.26
CA PRO A 377 -4.64 -15.72 25.68
C PRO A 377 -3.16 -16.07 25.81
N GLY A 378 -2.46 -15.39 26.71
CA GLY A 378 -1.02 -15.55 26.83
C GLY A 378 -0.25 -14.56 25.97
N GLY A 379 -0.96 -13.83 25.11
CA GLY A 379 -0.34 -12.86 24.22
C GLY A 379 0.04 -11.55 24.89
N LYS A 380 0.71 -10.68 24.11
N LYS A 380 0.66 -10.66 24.10
CA LYS A 380 1.23 -9.41 24.61
CA LYS A 380 1.22 -9.43 24.64
C LYS A 380 0.81 -8.26 23.74
C LYS A 380 0.88 -8.26 23.74
N VAL A 381 0.64 -7.10 24.35
CA VAL A 381 0.47 -5.86 23.60
C VAL A 381 1.65 -4.96 23.96
N LEU A 382 2.23 -4.32 22.95
CA LEU A 382 3.32 -3.37 23.15
C LEU A 382 3.02 -2.14 22.32
N ILE A 383 3.00 -0.99 22.96
CA ILE A 383 2.65 0.26 22.32
C ILE A 383 3.64 1.34 22.72
N SER A 384 4.16 2.09 21.76
CA SER A 384 4.76 3.39 22.08
C SER A 384 3.80 4.45 21.59
N ASP A 385 3.70 5.57 22.29
CA ASP A 385 2.79 6.60 21.82
C ASP A 385 3.16 7.94 22.41
N TYR A 386 2.81 9.00 21.68
CA TYR A 386 2.94 10.35 22.22
C TYR A 386 1.92 10.54 23.34
N CYS A 387 2.32 11.24 24.40
CA CYS A 387 1.49 11.52 25.55
C CYS A 387 1.69 12.97 25.98
N ARG A 388 1.04 13.37 27.07
CA ARG A 388 1.21 14.70 27.63
C ARG A 388 1.39 14.60 29.15
N SER A 389 1.87 15.68 29.75
N SER A 389 1.81 15.71 29.75
CA SER A 389 1.87 15.82 31.21
CA SER A 389 1.85 15.80 31.20
C SER A 389 0.44 15.93 31.70
C SER A 389 0.42 15.91 31.70
N PRO A 390 0.18 15.57 32.97
CA PRO A 390 -1.16 15.82 33.52
C PRO A 390 -1.41 17.31 33.66
N LYS A 391 -0.35 18.11 33.65
CA LYS A 391 -0.47 19.57 33.58
C LYS A 391 -1.33 19.97 32.39
N THR A 392 -2.00 21.11 32.52
CA THR A 392 -2.78 21.66 31.42
C THR A 392 -1.82 22.17 30.34
N PRO A 393 -2.05 21.74 29.09
CA PRO A 393 -1.19 22.19 27.99
C PRO A 393 -1.10 23.72 27.86
N SER A 394 0.08 24.20 27.50
CA SER A 394 0.27 25.62 27.17
C SER A 394 -0.47 25.94 25.89
N ALA A 395 -0.59 27.22 25.57
CA ALA A 395 -1.24 27.63 24.33
C ALA A 395 -0.54 27.04 23.09
N GLU A 396 0.79 27.08 23.09
CA GLU A 396 1.53 26.53 21.95
C GLU A 396 1.35 25.02 21.82
N PHE A 397 1.42 24.29 22.94
CA PHE A 397 1.24 22.84 22.92
C PHE A 397 -0.17 22.50 22.42
N SER A 398 -1.16 23.27 22.87
CA SER A 398 -2.54 23.05 22.44
C SER A 398 -2.72 23.27 20.94
N GLU A 399 -2.03 24.26 20.38
CA GLU A 399 -2.13 24.53 18.94
C GLU A 399 -1.52 23.39 18.11
N TYR A 400 -0.39 22.87 18.57
CA TYR A 400 0.26 21.72 17.95
C TYR A 400 -0.68 20.52 17.95
N ILE A 401 -1.27 20.25 19.11
CA ILE A 401 -2.20 19.15 19.25
C ILE A 401 -3.39 19.28 18.30
N LYS A 402 -3.94 20.49 18.22
CA LYS A 402 -5.08 20.75 17.35
C LYS A 402 -4.74 20.61 15.86
N GLN A 403 -3.62 21.19 15.44
CA GLN A 403 -3.24 21.11 14.02
C GLN A 403 -2.95 19.67 13.59
N ARG A 404 -2.38 18.87 14.51
CA ARG A 404 -2.08 17.49 14.20
C ARG A 404 -3.33 16.60 14.32
N GLY A 405 -4.31 17.06 15.09
CA GLY A 405 -5.49 16.25 15.40
C GLY A 405 -5.25 15.16 16.44
N TYR A 406 -4.21 15.32 17.25
CA TYR A 406 -3.85 14.30 18.23
C TYR A 406 -4.80 14.23 19.43
N ASP A 407 -4.96 13.02 19.97
CA ASP A 407 -5.67 12.81 21.22
C ASP A 407 -4.63 12.33 22.23
N LEU A 408 -4.21 13.21 23.13
CA LEU A 408 -3.11 12.91 24.04
C LEU A 408 -3.58 12.80 25.49
N HIS A 409 -3.07 11.78 26.18
CA HIS A 409 -3.36 11.55 27.58
C HIS A 409 -2.08 11.46 28.36
N ASP A 410 -2.16 11.55 29.68
CA ASP A 410 -0.95 11.34 30.49
C ASP A 410 -0.61 9.85 30.55
N VAL A 411 0.64 9.55 30.86
CA VAL A 411 1.16 8.19 30.80
C VAL A 411 0.41 7.27 31.77
N GLN A 412 0.16 7.74 32.99
N GLN A 412 0.16 7.75 32.99
CA GLN A 412 -0.57 6.97 33.99
CA GLN A 412 -0.55 6.94 33.97
C GLN A 412 -1.97 6.60 33.49
C GLN A 412 -1.98 6.62 33.53
N ALA A 413 -2.67 7.61 32.98
CA ALA A 413 -4.03 7.42 32.47
C ALA A 413 -4.08 6.44 31.30
N TYR A 414 -3.07 6.50 30.43
CA TYR A 414 -2.99 5.61 29.29
C TYR A 414 -2.85 4.17 29.79
N GLY A 415 -1.95 3.96 30.75
CA GLY A 415 -1.82 2.66 31.39
C GLY A 415 -3.13 2.18 32.01
N GLN A 416 -3.83 3.08 32.69
CA GLN A 416 -5.11 2.73 33.31
C GLN A 416 -6.14 2.29 32.27
N MET A 417 -6.13 2.92 31.10
N MET A 417 -6.12 2.93 31.10
CA MET A 417 -7.05 2.53 30.05
CA MET A 417 -7.00 2.52 30.00
C MET A 417 -6.79 1.09 29.59
C MET A 417 -6.78 1.07 29.63
N LEU A 418 -5.52 0.69 29.57
CA LEU A 418 -5.19 -0.70 29.24
C LEU A 418 -5.68 -1.66 30.33
N LYS A 419 -5.50 -1.29 31.59
CA LYS A 419 -6.01 -2.09 32.69
C LYS A 419 -7.53 -2.22 32.59
N ASP A 420 -8.20 -1.11 32.30
CA ASP A 420 -9.66 -1.10 32.26
C ASP A 420 -10.20 -1.97 31.12
N ALA A 421 -9.42 -2.12 30.05
CA ALA A 421 -9.79 -2.94 28.90
C ALA A 421 -9.57 -4.44 29.16
N GLY A 422 -8.98 -4.77 30.30
CA GLY A 422 -8.83 -6.16 30.71
C GLY A 422 -7.41 -6.72 30.77
N PHE A 423 -6.44 -5.94 30.35
CA PHE A 423 -5.05 -6.40 30.34
C PHE A 423 -4.44 -6.57 31.73
N THR A 424 -3.51 -7.51 31.85
CA THR A 424 -2.87 -7.86 33.11
C THR A 424 -1.41 -7.43 33.09
N ASP A 425 -0.89 -7.09 34.27
CA ASP A 425 0.49 -6.69 34.45
C ASP A 425 0.90 -5.57 33.50
N VAL A 426 0.07 -4.54 33.49
CA VAL A 426 0.34 -3.37 32.65
C VAL A 426 1.58 -2.63 33.12
N ILE A 427 2.50 -2.40 32.18
CA ILE A 427 3.68 -1.57 32.42
C ILE A 427 3.44 -0.29 31.66
N ALA A 428 3.59 0.85 32.32
CA ALA A 428 3.43 2.14 31.68
C ALA A 428 4.64 2.98 32.04
N GLU A 429 5.57 3.13 31.08
CA GLU A 429 6.83 3.79 31.31
C GLU A 429 6.86 5.15 30.63
N ASP A 430 7.21 6.17 31.39
CA ASP A 430 7.49 7.49 30.83
C ASP A 430 8.92 7.49 30.27
N ARG A 431 9.01 7.49 28.94
CA ARG A 431 10.31 7.48 28.27
C ARG A 431 10.62 8.83 27.62
N THR A 432 10.14 9.90 28.23
CA THR A 432 10.36 11.22 27.68
C THR A 432 11.84 11.61 27.66
N ASP A 433 12.61 11.20 28.66
CA ASP A 433 14.02 11.52 28.63
C ASP A 433 14.72 10.86 27.43
N GLN A 434 14.41 9.59 27.18
CA GLN A 434 14.90 8.91 25.99
C GLN A 434 14.43 9.61 24.71
N PHE A 435 13.16 9.99 24.67
CA PHE A 435 12.60 10.71 23.52
C PHE A 435 13.41 11.96 23.24
N MET A 436 13.78 12.72 24.26
CA MET A 436 14.60 13.91 24.07
C MET A 436 16.00 13.60 23.56
N GLN A 437 16.62 12.54 24.09
CA GLN A 437 17.92 12.12 23.59
C GLN A 437 17.86 11.75 22.12
N VAL A 438 16.81 11.04 21.75
CA VAL A 438 16.60 10.65 20.36
C VAL A 438 16.34 11.87 19.47
N LEU A 439 15.50 12.79 19.95
CA LEU A 439 15.25 14.03 19.20
C LEU A 439 16.54 14.77 18.89
N LYS A 440 17.42 14.88 19.88
CA LYS A 440 18.68 15.58 19.66
C LYS A 440 19.56 14.88 18.64
N ARG A 441 19.66 13.56 18.73
CA ARG A 441 20.45 12.82 17.75
C ARG A 441 19.90 12.98 16.34
N GLU A 442 18.58 12.91 16.22
CA GLU A 442 17.92 13.04 14.92
C GLU A 442 18.13 14.43 14.34
N LEU A 443 17.95 15.45 15.18
CA LEU A 443 18.13 16.83 14.74
C LEU A 443 19.56 17.15 14.37
N ASP A 444 20.50 16.69 15.18
CA ASP A 444 21.92 16.91 14.91
C ASP A 444 22.33 16.30 13.57
N ARG A 445 21.81 15.12 13.26
CA ARG A 445 22.12 14.47 11.98
C ARG A 445 21.57 15.29 10.80
N VAL A 446 20.34 15.78 10.94
CA VAL A 446 19.74 16.62 9.89
C VAL A 446 20.53 17.91 9.66
N GLU A 447 20.89 18.59 10.74
CA GLU A 447 21.64 19.84 10.64
C GLU A 447 23.02 19.61 10.03
N LYS A 448 23.69 18.55 10.44
CA LYS A 448 24.99 18.19 9.87
C LYS A 448 24.90 17.89 8.38
N GLU A 449 23.82 17.23 7.97
CA GLU A 449 23.66 16.83 6.58
C GLU A 449 22.73 17.79 5.82
N LYS A 450 22.73 19.04 6.26
CA LYS A 450 21.81 20.06 5.74
C LYS A 450 21.83 20.20 4.21
N GLU A 451 23.03 20.24 3.64
CA GLU A 451 23.17 20.43 2.20
C GLU A 451 22.49 19.29 1.43
N LYS A 452 22.77 18.06 1.84
CA LYS A 452 22.17 16.90 1.20
C LYS A 452 20.66 16.86 1.41
N PHE A 453 20.21 17.30 2.59
CA PHE A 453 18.79 17.33 2.90
C PHE A 453 18.03 18.29 1.97
N ILE A 454 18.55 19.50 1.82
CA ILE A 454 17.88 20.52 1.02
C ILE A 454 17.85 20.15 -0.46
N SER A 455 18.95 19.55 -0.94
CA SER A 455 19.02 19.08 -2.32
C SER A 455 17.98 18.00 -2.59
N ASP A 456 17.90 17.02 -1.71
CA ASP A 456 16.99 15.90 -1.88
C ASP A 456 15.54 16.35 -1.67
N PHE A 457 15.35 17.31 -0.77
CA PHE A 457 14.02 17.79 -0.45
C PHE A 457 13.89 19.27 -0.82
N SER A 458 13.87 20.16 0.17
CA SER A 458 13.84 21.59 -0.09
C SER A 458 14.24 22.35 1.17
N LYS A 459 14.51 23.64 1.00
CA LYS A 459 14.79 24.52 2.13
C LYS A 459 13.60 24.55 3.08
N GLU A 460 12.40 24.63 2.53
CA GLU A 460 11.17 24.63 3.31
C GLU A 460 11.01 23.35 4.13
N ASP A 461 11.28 22.22 3.49
CA ASP A 461 11.21 20.92 4.17
C ASP A 461 12.23 20.87 5.31
N TYR A 462 13.45 21.34 5.04
CA TYR A 462 14.49 21.37 6.05
C TYR A 462 14.07 22.23 7.24
N ASP A 463 13.59 23.43 6.96
CA ASP A 463 13.14 24.34 8.02
C ASP A 463 11.97 23.76 8.81
N ASP A 464 11.04 23.10 8.12
CA ASP A 464 9.90 22.46 8.79
C ASP A 464 10.35 21.40 9.79
N ILE A 465 11.29 20.57 9.37
CA ILE A 465 11.81 19.51 10.22
C ILE A 465 12.62 20.07 11.39
N VAL A 466 13.57 20.96 11.10
CA VAL A 466 14.37 21.56 12.16
C VAL A 466 13.49 22.29 13.17
N GLY A 467 12.57 23.10 12.66
CA GLY A 467 11.63 23.81 13.52
C GLY A 467 10.77 22.86 14.35
N GLY A 468 10.26 21.81 13.74
CA GLY A 468 9.42 20.86 14.45
C GLY A 468 10.17 20.11 15.54
N TRP A 469 11.40 19.71 15.25
CA TRP A 469 12.20 19.00 16.24
C TRP A 469 12.60 19.92 17.39
N LYS A 470 12.95 21.17 17.07
CA LYS A 470 13.29 22.12 18.14
C LYS A 470 12.06 22.39 19.02
N SER A 471 10.89 22.46 18.41
CA SER A 471 9.67 22.68 19.18
C SER A 471 9.37 21.50 20.09
N LYS A 472 9.57 20.28 19.61
CA LYS A 472 9.40 19.11 20.47
C LYS A 472 10.40 19.12 21.63
N LEU A 473 11.65 19.48 21.36
CA LEU A 473 12.63 19.55 22.43
C LEU A 473 12.19 20.55 23.50
N GLU A 474 11.68 21.69 23.07
CA GLU A 474 11.16 22.70 24.00
C GLU A 474 9.96 22.20 24.81
N ARG A 475 8.98 21.59 24.16
CA ARG A 475 7.78 21.11 24.86
C ARG A 475 8.11 19.97 25.80
N CYS A 476 9.08 19.15 25.44
CA CYS A 476 9.51 18.08 26.34
C CYS A 476 10.31 18.65 27.52
N ALA A 477 11.23 19.56 27.25
CA ALA A 477 12.04 20.16 28.33
C ALA A 477 11.15 20.86 29.35
N SER A 478 10.04 21.39 28.85
N SER A 478 10.05 21.44 28.87
CA SER A 478 9.14 22.21 29.66
CA SER A 478 9.18 22.22 29.75
C SER A 478 8.05 21.39 30.34
C SER A 478 8.05 21.40 30.35
N ASP A 479 8.23 20.08 30.39
CA ASP A 479 7.31 19.18 31.11
C ASP A 479 5.90 19.31 30.54
N GLU A 480 5.81 19.22 29.22
CA GLU A 480 4.52 19.22 28.52
C GLU A 480 4.35 17.97 27.67
N GLN A 481 5.13 17.84 26.59
CA GLN A 481 5.01 16.69 25.70
C GLN A 481 5.79 15.51 26.26
N LYS A 482 5.19 14.31 26.13
CA LYS A 482 5.74 13.09 26.73
C LYS A 482 5.78 11.97 25.71
N TRP A 483 6.56 10.93 26.02
CA TRP A 483 6.59 9.71 25.21
C TRP A 483 6.45 8.54 26.15
N GLY A 484 5.51 7.65 25.84
CA GLY A 484 5.25 6.48 26.68
C GLY A 484 5.48 5.16 25.99
N LEU A 485 5.95 4.17 26.76
CA LEU A 485 5.99 2.77 26.35
C LEU A 485 5.06 1.99 27.26
N PHE A 486 4.19 1.19 26.66
CA PHE A 486 3.18 0.44 27.39
C PHE A 486 3.26 -1.00 26.97
N ILE A 487 3.27 -1.91 27.93
CA ILE A 487 3.32 -3.33 27.65
C ILE A 487 2.36 -4.03 28.57
N ALA A 488 1.64 -5.02 28.07
CA ALA A 488 0.72 -5.76 28.93
C ALA A 488 0.46 -7.14 28.37
N ASN A 489 -0.14 -7.98 29.20
CA ASN A 489 -0.47 -9.34 28.78
C ASN A 489 -1.96 -9.60 28.83
N LYS A 490 -2.39 -10.57 28.05
CA LYS A 490 -3.73 -11.11 28.20
C LYS A 490 -3.59 -12.41 28.96
N ASN A 491 -4.16 -12.47 30.15
CA ASN A 491 -3.94 -13.62 31.03
C ASN A 491 -4.72 -14.86 30.57
#